data_8ISP
#
_entry.id   8ISP
#
_cell.length_a   62.118
_cell.length_b   62.118
_cell.length_c   150.448
_cell.angle_alpha   90.000
_cell.angle_beta   90.000
_cell.angle_gamma   90.000
#
_symmetry.space_group_name_H-M   'P 41 21 2'
#
loop_
_entity.id
_entity.type
_entity.pdbx_description
1 polymer Beta-lactamase
2 non-polymer '(R)-2-((R)-((R)-2-amino-2-phenylacetamido)(carboxy)methyl)-5-methyl-3,6-dihydro-2H-1,3-thiazine-4-carboxylic acid'
3 water water
#
_entity_poly.entity_id   1
_entity_poly.type   'polypeptide(L)'
_entity_poly.pdbx_seq_one_letter_code
;GSHMPAAVSDADFATLEKTSGGRLGVCLWHPASGARYGHRMDERFPMCSTVKFPLAAAILHRVDAGKLSLDQRVAVRQGD
IISHSPFTERHVGKDMTVRDLCRATLIISDNAAANLLLPLIDGPAGLTAFLQAQGDRITVSARNQPELNHFAPGDPRDTT
SPAAMAGNLQRFLLGDVLSPASRQQLADWLIDNQTGDARLRAGLPQGWRVGDKTGSNGQDTSNDIAALWPLAGGAPWLLS
CYLQGSALDDDGRDGILRQVGELAGARLG
;
_entity_poly.pdbx_strand_id   A
#
loop_
_chem_comp.id
_chem_comp.type
_chem_comp.name
_chem_comp.formula
Q53 non-polymer '(R)-2-((R)-((R)-2-amino-2-phenylacetamido)(carboxy)methyl)-5-methyl-3,6-dihydro-2H-1,3-thiazine-4-carboxylic acid' 'C16 H19 N3 O5 S'
#
# COMPACT_ATOMS: atom_id res chain seq x y z
N ASP A 10 -6.04 -12.78 -18.21
CA ASP A 10 -6.27 -13.50 -16.97
C ASP A 10 -5.94 -14.98 -17.13
N ALA A 11 -4.89 -15.25 -17.89
CA ALA A 11 -4.37 -16.60 -18.06
C ALA A 11 -2.86 -16.57 -17.90
N ASP A 12 -2.25 -15.45 -18.29
CA ASP A 12 -0.84 -15.24 -18.01
C ASP A 12 -0.56 -15.21 -16.52
N PHE A 13 -1.51 -14.71 -15.73
CA PHE A 13 -1.31 -14.65 -14.28
C PHE A 13 -1.30 -16.03 -13.67
N ALA A 14 -2.15 -16.93 -14.18
CA ALA A 14 -2.13 -18.31 -13.69
C ALA A 14 -0.81 -18.99 -14.03
N THR A 15 -0.29 -18.77 -15.24
CA THR A 15 1.02 -19.32 -15.59
C THR A 15 2.11 -18.72 -14.72
N LEU A 16 2.01 -17.41 -14.44
CA LEU A 16 3.00 -16.76 -13.58
C LEU A 16 2.90 -17.25 -12.14
N GLU A 17 1.68 -17.53 -11.66
CA GLU A 17 1.52 -18.03 -10.30
C GLU A 17 2.20 -19.38 -10.10
N LYS A 18 2.27 -20.20 -11.15
CA LYS A 18 2.93 -21.49 -11.03
C LYS A 18 4.43 -21.33 -10.78
N THR A 19 5.05 -20.35 -11.45
CA THR A 19 6.45 -20.04 -11.17
C THR A 19 6.65 -19.64 -9.72
N SER A 20 5.70 -18.89 -9.15
CA SER A 20 5.93 -18.34 -7.82
C SER A 20 5.89 -19.40 -6.74
N GLY A 21 4.96 -20.34 -6.81
CA GLY A 21 4.52 -21.03 -5.63
C GLY A 21 3.63 -20.13 -4.79
N GLY A 22 2.78 -20.76 -3.97
CA GLY A 22 1.88 -19.93 -3.20
C GLY A 22 0.80 -19.26 -4.03
N ARG A 23 0.25 -18.18 -3.49
CA ARG A 23 -0.94 -17.52 -4.04
C ARG A 23 -0.59 -16.14 -4.58
N LEU A 24 -0.97 -15.88 -5.83
CA LEU A 24 -0.74 -14.59 -6.48
C LEU A 24 -2.07 -13.88 -6.72
N GLY A 25 -2.22 -12.68 -6.16
CA GLY A 25 -3.41 -11.89 -6.38
C GLY A 25 -3.11 -10.57 -7.08
N VAL A 26 -3.76 -10.33 -8.21
CA VAL A 26 -3.50 -9.15 -9.04
C VAL A 26 -4.84 -8.54 -9.44
N CYS A 27 -4.89 -7.20 -9.47
CA CYS A 27 -6.05 -6.48 -9.99
C CYS A 27 -5.57 -5.25 -10.74
N LEU A 28 -5.76 -5.25 -12.06
CA LEU A 28 -5.47 -4.11 -12.91
C LEU A 28 -6.79 -3.51 -13.37
N TRP A 29 -7.04 -2.26 -12.99
CA TRP A 29 -8.35 -1.63 -13.16
C TRP A 29 -8.17 -0.24 -13.77
N HIS A 30 -8.96 0.04 -14.80
CA HIS A 30 -8.99 1.36 -15.44
C HIS A 30 -10.36 1.98 -15.20
N PRO A 31 -10.51 2.83 -14.19
CA PRO A 31 -11.86 3.34 -13.86
C PRO A 31 -12.52 4.13 -14.98
N ALA A 32 -11.75 4.85 -15.80
CA ALA A 32 -12.35 5.67 -16.85
C ALA A 32 -13.03 4.83 -17.92
N SER A 33 -12.50 3.64 -18.22
CA SER A 33 -13.09 2.77 -19.22
C SER A 33 -13.79 1.55 -18.65
N GLY A 34 -13.51 1.21 -17.39
CA GLY A 34 -14.09 0.03 -16.77
C GLY A 34 -13.37 -1.26 -17.07
N ALA A 35 -12.25 -1.22 -17.78
CA ALA A 35 -11.51 -2.44 -18.07
C ALA A 35 -10.86 -2.98 -16.80
N ARG A 36 -10.96 -4.30 -16.61
CA ARG A 36 -10.41 -4.94 -15.43
C ARG A 36 -9.75 -6.26 -15.81
N TYR A 37 -8.51 -6.43 -15.37
CA TYR A 37 -7.77 -7.68 -15.51
C TYR A 37 -7.21 -8.05 -14.15
N GLY A 38 -6.98 -9.34 -13.93
CA GLY A 38 -6.38 -9.76 -12.68
C GLY A 38 -6.57 -11.24 -12.44
N HIS A 39 -6.36 -11.63 -11.18
CA HIS A 39 -6.35 -13.03 -10.78
C HIS A 39 -6.56 -13.08 -9.27
N ARG A 40 -7.53 -13.90 -8.85
CA ARG A 40 -7.90 -14.02 -7.44
C ARG A 40 -8.21 -12.64 -6.83
N MET A 41 -8.97 -11.85 -7.59
CA MET A 41 -9.15 -10.44 -7.24
C MET A 41 -9.95 -10.26 -5.95
N ASP A 42 -10.75 -11.24 -5.56
CA ASP A 42 -11.57 -11.13 -4.36
C ASP A 42 -11.06 -12.00 -3.21
N GLU A 43 -9.95 -12.71 -3.38
CA GLU A 43 -9.40 -13.49 -2.29
C GLU A 43 -8.69 -12.58 -1.29
N ARG A 44 -8.55 -13.07 -0.06
CA ARG A 44 -7.90 -12.32 1.01
C ARG A 44 -6.41 -12.63 1.02
N PHE A 45 -5.60 -11.58 1.08
CA PHE A 45 -4.15 -11.65 1.18
C PHE A 45 -3.67 -10.77 2.32
N PRO A 46 -2.58 -11.15 2.98
CA PRO A 46 -2.03 -10.29 4.05
C PRO A 46 -1.53 -8.97 3.48
N MET A 47 -1.90 -7.88 4.14
CA MET A 47 -1.51 -6.55 3.67
C MET A 47 -0.01 -6.31 3.84
N CYS A 48 0.54 -6.70 4.99
CA CYS A 48 1.90 -6.34 5.39
C CYS A 48 1.98 -4.81 5.37
N SER A 49 3.07 -4.23 4.86
CA SER A 49 3.26 -2.80 4.90
C SER A 49 2.32 -2.03 3.98
N THR A 50 1.60 -2.71 3.08
CA THR A 50 0.67 -1.97 2.23
C THR A 50 -0.48 -1.36 3.01
N VAL A 51 -0.68 -1.79 4.27
CA VAL A 51 -1.66 -1.15 5.15
C VAL A 51 -1.32 0.31 5.41
N LYS A 52 -0.07 0.71 5.14
CA LYS A 52 0.32 2.09 5.39
C LYS A 52 -0.30 3.06 4.39
N PHE A 53 -0.76 2.56 3.23
CA PHE A 53 -1.43 3.47 2.29
C PHE A 53 -2.80 3.88 2.79
N PRO A 54 -3.72 2.98 3.19
CA PRO A 54 -4.97 3.45 3.80
C PRO A 54 -4.75 4.14 5.14
N LEU A 55 -3.65 3.85 5.83
CA LEU A 55 -3.33 4.57 7.07
C LEU A 55 -3.05 6.04 6.79
N ALA A 56 -2.25 6.32 5.76
CA ALA A 56 -1.98 7.72 5.41
C ALA A 56 -3.24 8.43 4.95
N ALA A 57 -4.08 7.75 4.16
CA ALA A 57 -5.31 8.38 3.70
C ALA A 57 -6.24 8.71 4.87
N ALA A 58 -6.33 7.80 5.85
CA ALA A 58 -7.14 8.08 7.03
C ALA A 58 -6.63 9.30 7.79
N ILE A 59 -5.31 9.46 7.85
CA ILE A 59 -4.73 10.65 8.48
C ILE A 59 -5.13 11.90 7.71
N LEU A 60 -4.96 11.88 6.38
CA LEU A 60 -5.30 13.05 5.57
C LEU A 60 -6.79 13.37 5.66
N HIS A 61 -7.65 12.33 5.70
CA HIS A 61 -9.08 12.57 5.82
C HIS A 61 -9.41 13.23 7.15
N ARG A 62 -8.79 12.78 8.24
CA ARG A 62 -8.98 13.44 9.51
C ARG A 62 -8.43 14.86 9.49
N VAL A 63 -7.34 15.10 8.76
CA VAL A 63 -6.80 16.44 8.61
C VAL A 63 -7.77 17.33 7.85
N ASP A 64 -8.35 16.81 6.76
CA ASP A 64 -9.31 17.59 5.99
C ASP A 64 -10.53 17.94 6.82
N ALA A 65 -10.91 17.08 7.78
CA ALA A 65 -12.06 17.31 8.63
C ALA A 65 -11.78 18.24 9.80
N GLY A 66 -10.57 18.80 9.89
CA GLY A 66 -10.21 19.69 10.96
C GLY A 66 -9.96 19.03 12.30
N LYS A 67 -10.00 17.71 12.38
CA LYS A 67 -9.74 16.99 13.61
C LYS A 67 -8.28 16.60 13.77
N LEU A 68 -7.43 17.02 12.84
CA LEU A 68 -6.00 16.71 12.87
C LEU A 68 -5.28 17.71 11.98
N SER A 69 -3.98 17.85 12.22
CA SER A 69 -3.16 18.76 11.43
C SER A 69 -1.86 18.07 11.06
N LEU A 70 -1.46 18.24 9.80
CA LEU A 70 -0.20 17.65 9.34
C LEU A 70 1.01 18.26 10.04
N ASP A 71 0.85 19.42 10.68
CA ASP A 71 1.97 20.10 11.34
C ASP A 71 2.02 19.87 12.83
N GLN A 72 1.00 19.23 13.42
CA GLN A 72 1.10 18.81 14.81
C GLN A 72 2.15 17.72 14.95
N ARG A 73 2.82 17.70 16.09
CA ARG A 73 4.00 16.87 16.28
C ARG A 73 3.75 15.79 17.32
N VAL A 74 4.31 14.61 17.08
CA VAL A 74 4.13 13.44 17.94
C VAL A 74 5.47 13.09 18.58
N ALA A 75 5.46 12.93 19.90
CA ALA A 75 6.68 12.59 20.62
C ALA A 75 7.15 11.19 20.24
N VAL A 76 8.47 11.02 20.23
CA VAL A 76 9.11 9.75 19.92
C VAL A 76 9.97 9.35 21.12
N ARG A 77 9.68 8.19 21.70
CA ARG A 77 10.46 7.64 22.80
C ARG A 77 11.15 6.36 22.35
N GLN A 78 12.13 5.93 23.16
CA GLN A 78 12.96 4.79 22.79
C GLN A 78 12.12 3.53 22.60
N GLY A 79 11.08 3.35 23.43
CA GLY A 79 10.23 2.19 23.31
C GLY A 79 9.45 2.12 22.00
N ASP A 80 9.26 3.27 21.34
CA ASP A 80 8.52 3.27 20.07
C ASP A 80 9.34 2.72 18.91
N ILE A 81 10.66 2.66 19.06
CA ILE A 81 11.54 2.27 17.96
C ILE A 81 11.54 0.75 17.82
N ILE A 82 11.22 0.26 16.63
CA ILE A 82 11.32 -1.16 16.31
C ILE A 82 12.17 -1.29 15.05
N SER A 83 12.35 -2.52 14.58
CA SER A 83 13.20 -2.76 13.42
C SER A 83 12.69 -2.00 12.20
N HIS A 84 13.64 -1.58 11.36
CA HIS A 84 13.35 -0.95 10.06
C HIS A 84 12.55 0.34 10.24
N SER A 85 13.11 1.25 11.00
CA SER A 85 12.53 2.58 11.24
C SER A 85 13.63 3.62 11.06
N PRO A 86 14.07 3.84 9.81
CA PRO A 86 15.29 4.63 9.61
C PRO A 86 15.13 6.12 9.89
N PHE A 87 13.91 6.65 9.88
CA PHE A 87 13.70 8.07 10.14
C PHE A 87 13.31 8.35 11.58
N THR A 88 12.35 7.60 12.13
CA THR A 88 11.89 7.84 13.49
C THR A 88 12.97 7.55 14.53
N GLU A 89 13.94 6.69 14.22
CA GLU A 89 15.00 6.40 15.17
C GLU A 89 15.93 7.58 15.40
N ARG A 90 15.92 8.58 14.52
CA ARG A 90 16.74 9.76 14.67
C ARG A 90 16.10 10.84 15.53
N HIS A 91 14.88 10.61 16.01
CA HIS A 91 14.13 11.64 16.74
C HIS A 91 13.70 11.18 18.12
N VAL A 92 14.43 10.22 18.69
CA VAL A 92 14.13 9.77 20.04
C VAL A 92 14.43 10.91 21.02
N GLY A 93 13.42 11.29 21.81
CA GLY A 93 13.54 12.38 22.75
C GLY A 93 13.03 13.71 22.25
N LYS A 94 12.62 13.78 20.98
CA LYS A 94 11.99 14.97 20.44
C LYS A 94 10.70 14.53 19.75
N ASP A 95 10.22 15.31 18.80
CA ASP A 95 8.97 15.00 18.11
C ASP A 95 9.15 15.17 16.61
N MET A 96 8.16 14.67 15.86
CA MET A 96 8.11 14.78 14.41
C MET A 96 6.72 15.19 13.99
N THR A 97 6.64 15.97 12.92
CA THR A 97 5.35 16.37 12.38
C THR A 97 4.61 15.15 11.83
N VAL A 98 3.27 15.23 11.85
CA VAL A 98 2.45 14.17 11.27
C VAL A 98 2.76 14.00 9.80
N ARG A 99 3.00 15.10 9.09
CA ARG A 99 3.32 15.04 7.66
C ARG A 99 4.61 14.24 7.42
N ASP A 100 5.64 14.49 8.23
CA ASP A 100 6.90 13.77 8.06
C ASP A 100 6.77 12.31 8.48
N LEU A 101 5.93 12.03 9.48
CA LEU A 101 5.65 10.65 9.84
C LEU A 101 4.93 9.92 8.71
N CYS A 102 4.00 10.61 8.02
CA CYS A 102 3.35 10.00 6.86
C CYS A 102 4.35 9.74 5.74
N ARG A 103 5.24 10.69 5.45
CA ARG A 103 6.21 10.48 4.39
C ARG A 103 7.14 9.32 4.72
N ALA A 104 7.62 9.26 5.96
CA ALA A 104 8.58 8.23 6.35
C ALA A 104 7.98 6.84 6.23
N THR A 105 6.75 6.66 6.73
CA THR A 105 6.15 5.33 6.70
C THR A 105 5.79 4.89 5.28
N LEU A 106 5.68 5.83 4.33
CA LEU A 106 5.28 5.49 2.97
C LEU A 106 6.46 5.27 2.03
N ILE A 107 7.41 6.21 1.97
CA ILE A 107 8.43 6.13 0.91
C ILE A 107 9.56 5.18 1.29
N ILE A 108 9.80 4.97 2.58
CA ILE A 108 10.82 4.02 3.04
C ILE A 108 10.24 2.94 3.95
N SER A 109 8.94 2.97 4.22
CA SER A 109 8.27 1.99 5.07
C SER A 109 8.88 1.98 6.47
N ASP A 110 8.90 3.16 7.08
CA ASP A 110 9.30 3.30 8.48
C ASP A 110 8.24 2.64 9.36
N ASN A 111 8.65 1.58 10.07
CA ASN A 111 7.69 0.80 10.83
C ASN A 111 7.21 1.54 12.08
N ALA A 112 8.12 2.17 12.81
CA ALA A 112 7.72 2.90 14.01
C ALA A 112 6.82 4.08 13.66
N ALA A 113 7.04 4.72 12.52
CA ALA A 113 6.21 5.84 12.12
C ALA A 113 4.75 5.43 11.97
N ALA A 114 4.51 4.19 11.53
CA ALA A 114 3.14 3.71 11.40
C ALA A 114 2.51 3.46 12.75
N ASN A 115 3.30 2.95 13.72
CA ASN A 115 2.80 2.74 15.06
C ASN A 115 2.52 4.06 15.78
N LEU A 116 3.16 5.15 15.37
CA LEU A 116 2.87 6.47 15.94
C LEU A 116 1.71 7.17 15.26
N LEU A 117 1.42 6.83 13.99
CA LEU A 117 0.27 7.43 13.31
C LEU A 117 -1.04 6.72 13.66
N LEU A 118 -0.98 5.42 13.95
CA LEU A 118 -2.21 4.67 14.18
C LEU A 118 -3.05 5.19 15.33
N PRO A 119 -2.51 5.54 16.50
CA PRO A 119 -3.38 6.05 17.58
C PRO A 119 -4.09 7.35 17.22
N LEU A 120 -3.57 8.12 16.26
CA LEU A 120 -4.23 9.36 15.88
C LEU A 120 -5.56 9.13 15.16
N ILE A 121 -5.76 7.94 14.61
CA ILE A 121 -7.03 7.63 13.94
C ILE A 121 -7.72 6.48 14.67
N ASP A 122 -7.49 6.40 15.99
CA ASP A 122 -8.15 5.42 16.87
C ASP A 122 -7.69 3.98 16.55
N GLY A 123 -6.42 3.83 16.20
CA GLY A 123 -5.82 2.53 16.05
C GLY A 123 -6.33 1.75 14.85
N PRO A 124 -5.96 0.47 14.77
CA PRO A 124 -6.41 -0.35 13.63
C PRO A 124 -7.92 -0.48 13.54
N ALA A 125 -8.63 -0.48 14.67
CA ALA A 125 -10.09 -0.51 14.63
C ALA A 125 -10.64 0.74 13.96
N GLY A 126 -10.04 1.89 14.25
CA GLY A 126 -10.46 3.12 13.58
C GLY A 126 -10.10 3.14 12.11
N LEU A 127 -8.97 2.53 11.75
CA LEU A 127 -8.60 2.43 10.34
C LEU A 127 -9.59 1.56 9.58
N THR A 128 -10.04 0.46 10.20
CA THR A 128 -11.06 -0.37 9.58
C THR A 128 -12.39 0.36 9.48
N ALA A 129 -12.75 1.12 10.52
CA ALA A 129 -13.98 1.90 10.48
C ALA A 129 -13.91 2.98 9.40
N PHE A 130 -12.73 3.56 9.20
CA PHE A 130 -12.55 4.52 8.12
C PHE A 130 -12.74 3.86 6.76
N LEU A 131 -12.16 2.67 6.59
CA LEU A 131 -12.27 1.99 5.30
C LEU A 131 -13.71 1.57 5.00
N GLN A 132 -14.46 1.18 6.04
CA GLN A 132 -15.85 0.80 5.82
C GLN A 132 -16.70 2.01 5.44
N ALA A 133 -16.43 3.17 6.05
CA ALA A 133 -17.19 4.37 5.75
C ALA A 133 -16.95 4.83 4.32
N GLN A 134 -15.77 4.58 3.77
CA GLN A 134 -15.45 5.00 2.41
C GLN A 134 -15.87 3.97 1.36
N GLY A 135 -16.34 2.80 1.78
CA GLY A 135 -16.85 1.80 0.85
C GLY A 135 -16.11 0.48 0.84
N ASP A 136 -15.01 0.33 1.58
CA ASP A 136 -14.23 -0.90 1.61
C ASP A 136 -14.73 -1.76 2.76
N ARG A 137 -15.51 -2.79 2.44
CA ARG A 137 -16.04 -3.70 3.44
C ARG A 137 -15.25 -5.00 3.56
N ILE A 138 -14.13 -5.10 2.86
CA ILE A 138 -13.31 -6.31 2.87
C ILE A 138 -12.07 -6.15 3.74
N THR A 139 -11.33 -5.06 3.55
CA THR A 139 -10.07 -4.87 4.25
C THR A 139 -10.29 -4.77 5.75
N VAL A 140 -9.49 -5.53 6.51
CA VAL A 140 -9.54 -5.54 7.96
C VAL A 140 -8.15 -5.19 8.47
N SER A 141 -8.06 -4.15 9.29
CA SER A 141 -6.83 -3.78 9.99
C SER A 141 -7.05 -4.04 11.47
N ALA A 142 -6.26 -4.95 12.05
CA ALA A 142 -6.45 -5.40 13.41
C ALA A 142 -5.27 -5.15 14.34
N ARG A 143 -4.05 -5.20 13.83
CA ARG A 143 -2.86 -5.05 14.67
C ARG A 143 -1.94 -3.99 14.08
N ASN A 144 -0.99 -3.55 14.90
CA ASN A 144 0.06 -2.63 14.50
C ASN A 144 1.34 -3.40 14.20
N GLN A 145 2.44 -2.68 14.01
CA GLN A 145 3.70 -3.33 13.70
C GLN A 145 4.34 -3.91 14.96
N PRO A 146 5.00 -5.07 14.87
CA PRO A 146 5.19 -5.84 13.64
C PRO A 146 4.21 -6.99 13.46
N GLU A 147 3.33 -7.20 14.43
CA GLU A 147 2.48 -8.39 14.42
C GLU A 147 1.41 -8.37 13.34
N LEU A 148 1.21 -7.26 12.63
CA LEU A 148 0.26 -7.26 11.53
C LEU A 148 0.74 -8.10 10.36
N ASN A 149 2.02 -8.47 10.33
CA ASN A 149 2.52 -9.34 9.28
C ASN A 149 2.11 -10.80 9.47
N HIS A 150 1.56 -11.15 10.64
CA HIS A 150 1.04 -12.50 10.84
C HIS A 150 -0.10 -12.77 9.88
N PHE A 151 -0.17 -14.00 9.37
CA PHE A 151 -1.24 -14.38 8.46
C PHE A 151 -1.49 -15.88 8.57
N ALA A 152 -2.75 -16.26 8.39
CA ALA A 152 -3.15 -17.66 8.35
C ALA A 152 -4.45 -17.74 7.56
N PRO A 153 -4.62 -18.76 6.71
CA PRO A 153 -5.88 -18.90 6.00
C PRO A 153 -7.05 -19.02 6.96
N GLY A 154 -8.14 -18.32 6.65
CA GLY A 154 -9.29 -18.24 7.52
C GLY A 154 -9.22 -17.16 8.57
N ASP A 155 -8.06 -16.51 8.72
CA ASP A 155 -7.90 -15.40 9.66
C ASP A 155 -7.89 -14.11 8.88
N PRO A 156 -8.95 -13.29 8.93
CA PRO A 156 -9.03 -12.08 8.11
C PRO A 156 -8.29 -10.88 8.68
N ARG A 157 -7.58 -11.02 9.79
CA ARG A 157 -6.89 -9.89 10.41
C ARG A 157 -5.75 -9.42 9.54
N ASP A 158 -5.70 -8.11 9.28
CA ASP A 158 -4.62 -7.47 8.52
C ASP A 158 -4.57 -8.00 7.09
N THR A 159 -5.74 -8.27 6.53
CA THR A 159 -5.85 -8.78 5.17
C THR A 159 -6.65 -7.82 4.30
N THR A 160 -6.47 -7.97 2.99
CA THR A 160 -7.25 -7.23 2.01
C THR A 160 -7.43 -8.13 0.78
N SER A 161 -8.06 -7.60 -0.25
CA SER A 161 -8.18 -8.27 -1.52
C SER A 161 -7.56 -7.39 -2.61
N PRO A 162 -7.12 -7.99 -3.72
CA PRO A 162 -6.58 -7.17 -4.81
C PRO A 162 -7.58 -6.15 -5.35
N ALA A 163 -8.86 -6.53 -5.44
CA ALA A 163 -9.88 -5.59 -5.92
C ALA A 163 -10.17 -4.51 -4.90
N ALA A 164 -10.18 -4.87 -3.62
CA ALA A 164 -10.47 -3.88 -2.57
C ALA A 164 -9.36 -2.83 -2.50
N MET A 165 -8.11 -3.26 -2.54
CA MET A 165 -7.01 -2.29 -2.44
C MET A 165 -6.88 -1.46 -3.71
N ALA A 166 -7.15 -2.05 -4.88
CA ALA A 166 -7.21 -1.26 -6.10
C ALA A 166 -8.29 -0.19 -6.00
N GLY A 167 -9.43 -0.53 -5.40
CA GLY A 167 -10.49 0.46 -5.22
C GLY A 167 -10.09 1.56 -4.25
N ASN A 168 -9.35 1.20 -3.19
CA ASN A 168 -8.86 2.21 -2.26
C ASN A 168 -7.91 3.17 -2.95
N LEU A 169 -7.05 2.67 -3.84
CA LEU A 169 -6.21 3.55 -4.64
C LEU A 169 -7.05 4.53 -5.44
N GLN A 170 -8.19 4.08 -5.95
CA GLN A 170 -9.09 4.97 -6.69
C GLN A 170 -9.70 6.02 -5.77
N ARG A 171 -10.25 5.57 -4.63
CA ARG A 171 -10.97 6.49 -3.75
C ARG A 171 -10.07 7.60 -3.24
N PHE A 172 -8.82 7.27 -2.88
CA PHE A 172 -7.97 8.21 -2.17
C PHE A 172 -7.09 9.04 -3.09
N LEU A 173 -6.76 8.53 -4.27
CA LEU A 173 -5.93 9.27 -5.22
C LEU A 173 -6.72 9.93 -6.34
N LEU A 174 -7.80 9.30 -6.80
CA LEU A 174 -8.57 9.80 -7.94
C LEU A 174 -9.95 10.30 -7.57
N GLY A 175 -10.55 9.78 -6.51
CA GLY A 175 -11.86 10.23 -6.07
C GLY A 175 -11.79 11.54 -5.32
N ASP A 176 -12.91 11.86 -4.66
CA ASP A 176 -13.05 13.09 -3.89
C ASP A 176 -13.10 12.80 -2.39
N VAL A 177 -12.57 11.67 -1.95
CA VAL A 177 -12.48 11.37 -0.52
C VAL A 177 -11.64 12.42 0.19
N LEU A 178 -10.51 12.80 -0.41
CA LEU A 178 -9.59 13.77 0.16
C LEU A 178 -9.67 15.09 -0.59
N SER A 179 -9.16 16.14 0.05
CA SER A 179 -9.06 17.43 -0.60
C SER A 179 -8.08 17.35 -1.77
N PRO A 180 -8.20 18.25 -2.75
CA PRO A 180 -7.23 18.26 -3.85
C PRO A 180 -5.79 18.40 -3.39
N ALA A 181 -5.54 19.09 -2.27
CA ALA A 181 -4.19 19.21 -1.75
C ALA A 181 -3.74 17.94 -1.04
N SER A 182 -4.66 17.29 -0.31
CA SER A 182 -4.29 16.08 0.40
C SER A 182 -4.08 14.90 -0.55
N ARG A 183 -4.93 14.78 -1.57
CA ARG A 183 -4.78 13.66 -2.50
C ARG A 183 -3.59 13.85 -3.42
N GLN A 184 -3.21 15.09 -3.72
CA GLN A 184 -2.01 15.32 -4.48
C GLN A 184 -0.75 15.11 -3.63
N GLN A 185 -0.81 15.44 -2.34
CA GLN A 185 0.30 15.12 -1.45
C GLN A 185 0.44 13.61 -1.29
N LEU A 186 -0.69 12.90 -1.21
CA LEU A 186 -0.64 11.44 -1.09
C LEU A 186 -0.05 10.82 -2.35
N ALA A 187 -0.44 11.32 -3.53
CA ALA A 187 0.14 10.82 -4.77
C ALA A 187 1.63 11.13 -4.86
N ASP A 188 2.04 12.33 -4.45
CA ASP A 188 3.44 12.69 -4.47
C ASP A 188 4.27 11.77 -3.57
N TRP A 189 3.70 11.35 -2.43
CA TRP A 189 4.39 10.41 -1.55
C TRP A 189 4.62 9.08 -2.25
N LEU A 190 3.59 8.52 -2.87
CA LEU A 190 3.74 7.25 -3.59
C LEU A 190 4.71 7.39 -4.75
N ILE A 191 4.69 8.53 -5.44
CA ILE A 191 5.65 8.76 -6.52
C ILE A 191 7.07 8.78 -5.98
N ASP A 192 7.27 9.30 -4.77
CA ASP A 192 8.57 9.37 -4.12
C ASP A 192 8.97 8.07 -3.42
N ASN A 193 8.23 6.98 -3.62
CA ASN A 193 8.56 5.74 -2.94
C ASN A 193 9.96 5.27 -3.29
N GLN A 194 10.65 4.70 -2.30
CA GLN A 194 12.04 4.30 -2.44
C GLN A 194 12.26 2.79 -2.46
N THR A 195 11.22 1.99 -2.21
CA THR A 195 11.39 0.56 -2.03
C THR A 195 10.81 -0.27 -3.16
N GLY A 196 10.48 0.33 -4.30
CA GLY A 196 9.83 -0.42 -5.35
C GLY A 196 10.55 -0.44 -6.68
N ASP A 197 11.87 -0.17 -6.66
CA ASP A 197 12.62 -0.10 -7.91
C ASP A 197 12.77 -1.46 -8.57
N ALA A 198 12.76 -2.54 -7.79
CA ALA A 198 12.95 -3.89 -8.31
C ALA A 198 11.65 -4.68 -8.36
N ARG A 199 10.51 -4.01 -8.27
CA ARG A 199 9.22 -4.68 -8.19
C ARG A 199 8.39 -4.25 -9.41
N LEU A 200 7.20 -3.69 -9.21
CA LEU A 200 6.34 -3.35 -10.34
C LEU A 200 7.02 -2.35 -11.27
N ARG A 201 7.72 -1.36 -10.71
CA ARG A 201 8.40 -0.36 -11.53
C ARG A 201 9.36 -0.98 -12.52
N ALA A 202 10.03 -2.07 -12.14
CA ALA A 202 11.04 -2.69 -13.00
C ALA A 202 10.44 -3.38 -14.21
N GLY A 203 9.13 -3.63 -14.23
CA GLY A 203 8.51 -4.31 -15.35
C GLY A 203 7.55 -3.46 -16.15
N LEU A 204 7.11 -2.34 -15.57
CA LEU A 204 6.17 -1.47 -16.24
C LEU A 204 6.84 -0.72 -17.38
N PRO A 205 6.11 -0.43 -18.46
CA PRO A 205 6.74 0.20 -19.63
C PRO A 205 7.01 1.68 -19.44
N GLN A 206 7.88 2.19 -20.32
CA GLN A 206 8.19 3.59 -20.42
C GLN A 206 6.91 4.39 -20.70
N GLY A 207 6.94 5.65 -20.31
CA GLY A 207 5.86 6.56 -20.58
C GLY A 207 4.76 6.61 -19.54
N TRP A 208 4.99 6.07 -18.35
CA TRP A 208 4.00 6.05 -17.28
C TRP A 208 4.67 6.44 -15.97
N ARG A 209 4.07 7.38 -15.26
CA ARG A 209 4.54 7.73 -13.92
C ARG A 209 3.95 6.75 -12.92
N VAL A 210 4.79 6.24 -12.02
CA VAL A 210 4.41 5.21 -11.07
C VAL A 210 4.52 5.76 -9.66
N GLY A 211 3.46 5.58 -8.89
CA GLY A 211 3.51 5.77 -7.45
C GLY A 211 3.07 4.49 -6.79
N ASP A 212 3.80 4.01 -5.78
CA ASP A 212 3.51 2.68 -5.25
C ASP A 212 3.87 2.58 -3.78
N LYS A 213 3.32 1.56 -3.13
CA LYS A 213 3.68 1.18 -1.77
C LYS A 213 3.85 -0.32 -1.71
N THR A 214 4.91 -0.76 -1.03
CA THR A 214 5.32 -2.15 -1.00
C THR A 214 5.09 -2.77 0.38
N GLY A 215 5.35 -4.07 0.47
CA GLY A 215 5.27 -4.81 1.72
C GLY A 215 5.95 -6.17 1.60
N SER A 216 6.48 -6.68 2.70
CA SER A 216 7.16 -7.98 2.69
C SER A 216 7.28 -8.50 4.12
N ASN A 217 7.25 -9.82 4.25
CA ASN A 217 7.46 -10.48 5.54
C ASN A 217 8.84 -11.09 5.67
N GLY A 218 9.66 -11.02 4.62
CA GLY A 218 11.02 -11.49 4.69
C GLY A 218 11.21 -12.98 4.52
N GLN A 219 10.15 -13.73 4.20
CA GLN A 219 10.25 -15.17 4.03
C GLN A 219 9.51 -15.65 2.80
N ASP A 220 8.22 -15.31 2.68
CA ASP A 220 7.43 -15.84 1.58
C ASP A 220 6.36 -14.91 1.05
N THR A 221 6.28 -13.65 1.49
CA THR A 221 5.20 -12.76 1.11
C THR A 221 5.77 -11.41 0.67
N SER A 222 5.36 -10.95 -0.51
CA SER A 222 5.74 -9.64 -1.01
C SER A 222 4.55 -9.03 -1.75
N ASN A 223 4.26 -7.76 -1.47
CA ASN A 223 3.14 -7.06 -2.07
C ASN A 223 3.60 -5.73 -2.65
N ASP A 224 2.80 -5.22 -3.60
CA ASP A 224 3.07 -3.93 -4.23
C ASP A 224 1.80 -3.44 -4.88
N ILE A 225 1.33 -2.25 -4.47
CA ILE A 225 0.14 -1.62 -5.05
C ILE A 225 0.58 -0.29 -5.65
N ALA A 226 0.03 0.05 -6.82
CA ALA A 226 0.55 1.18 -7.55
C ALA A 226 -0.55 1.88 -8.35
N ALA A 227 -0.28 3.14 -8.68
CA ALA A 227 -1.08 3.93 -9.59
C ALA A 227 -0.23 4.27 -10.81
N LEU A 228 -0.85 4.26 -11.99
CA LEU A 228 -0.13 4.38 -13.25
C LEU A 228 -0.66 5.58 -14.02
N TRP A 229 0.05 6.70 -13.93
CA TRP A 229 -0.36 7.90 -14.65
C TRP A 229 0.33 7.96 -16.01
N PRO A 230 -0.41 8.08 -17.11
CA PRO A 230 0.24 8.20 -18.43
C PRO A 230 0.92 9.55 -18.58
N LEU A 231 2.21 9.51 -18.92
CA LEU A 231 2.98 10.75 -19.05
C LEU A 231 2.46 11.61 -20.19
N ALA A 232 1.92 11.00 -21.24
CA ALA A 232 1.36 11.73 -22.37
C ALA A 232 -0.06 12.20 -22.12
N GLY A 233 -0.46 12.36 -20.85
CA GLY A 233 -1.80 12.77 -20.51
C GLY A 233 -2.81 11.65 -20.66
N GLY A 234 -3.88 11.69 -19.87
CA GLY A 234 -4.94 10.71 -19.94
C GLY A 234 -5.31 10.17 -18.58
N ALA A 235 -6.21 9.20 -18.59
CA ALA A 235 -6.72 8.59 -17.37
C ALA A 235 -5.76 7.52 -16.85
N PRO A 236 -5.59 7.42 -15.54
CA PRO A 236 -4.62 6.47 -14.98
C PRO A 236 -5.21 5.10 -14.72
N TRP A 237 -4.31 4.13 -14.62
CA TRP A 237 -4.64 2.76 -14.21
C TRP A 237 -4.29 2.56 -12.75
N LEU A 238 -4.83 1.49 -12.17
CA LEU A 238 -4.52 1.09 -10.81
C LEU A 238 -4.15 -0.40 -10.82
N LEU A 239 -3.08 -0.74 -10.10
CA LEU A 239 -2.52 -2.09 -10.13
C LEU A 239 -2.18 -2.52 -8.72
N SER A 240 -2.92 -3.49 -8.20
CA SER A 240 -2.62 -4.11 -6.91
C SER A 240 -2.08 -5.51 -7.15
N CYS A 241 -1.07 -5.90 -6.36
CA CYS A 241 -0.41 -7.19 -6.54
C CYS A 241 -0.01 -7.73 -5.18
N TYR A 242 -0.50 -8.93 -4.85
CA TYR A 242 -0.21 -9.59 -3.59
C TYR A 242 0.28 -11.00 -3.88
N LEU A 243 1.40 -11.38 -3.27
CA LEU A 243 2.00 -12.70 -3.44
C LEU A 243 2.30 -13.27 -2.06
N GLN A 244 1.52 -14.26 -1.64
CA GLN A 244 1.59 -14.83 -0.30
C GLN A 244 1.96 -16.31 -0.38
N GLY A 245 2.82 -16.74 0.55
CA GLY A 245 3.20 -18.14 0.61
C GLY A 245 4.05 -18.63 -0.54
N SER A 246 4.81 -17.74 -1.16
CA SER A 246 5.66 -18.12 -2.28
C SER A 246 6.88 -18.89 -1.80
N ALA A 247 7.34 -19.82 -2.64
CA ALA A 247 8.57 -20.55 -2.37
C ALA A 247 9.82 -19.75 -2.69
N LEU A 248 9.69 -18.63 -3.40
CA LEU A 248 10.82 -17.77 -3.69
C LEU A 248 11.08 -16.82 -2.53
N ASP A 249 12.33 -16.40 -2.40
CA ASP A 249 12.71 -15.43 -1.37
C ASP A 249 12.37 -14.02 -1.84
N ASP A 250 12.97 -13.01 -1.20
CA ASP A 250 12.60 -11.63 -1.52
C ASP A 250 12.99 -11.27 -2.94
N ASP A 251 14.19 -11.67 -3.37
CA ASP A 251 14.62 -11.36 -4.73
C ASP A 251 13.80 -12.11 -5.77
N GLY A 252 13.44 -13.36 -5.48
CA GLY A 252 12.60 -14.10 -6.40
C GLY A 252 11.19 -13.54 -6.49
N ARG A 253 10.61 -13.18 -5.34
CA ARG A 253 9.28 -12.58 -5.34
C ARG A 253 9.29 -11.21 -6.04
N ASP A 254 10.39 -10.47 -5.91
CA ASP A 254 10.52 -9.22 -6.67
C ASP A 254 10.46 -9.49 -8.17
N GLY A 255 11.04 -10.60 -8.62
CA GLY A 255 10.96 -10.96 -10.02
C GLY A 255 9.55 -11.26 -10.46
N ILE A 256 8.75 -11.88 -9.60
CA ILE A 256 7.35 -12.11 -9.91
C ILE A 256 6.60 -10.78 -10.00
N LEU A 257 6.85 -9.88 -9.05
CA LEU A 257 6.23 -8.56 -9.09
C LEU A 257 6.67 -7.78 -10.32
N ARG A 258 7.91 -7.96 -10.77
CA ARG A 258 8.34 -7.32 -12.01
C ARG A 258 7.59 -7.88 -13.21
N GLN A 259 7.39 -9.21 -13.25
CA GLN A 259 6.66 -9.80 -14.36
C GLN A 259 5.18 -9.40 -14.35
N VAL A 260 4.62 -9.13 -13.17
CA VAL A 260 3.26 -8.60 -13.11
C VAL A 260 3.21 -7.23 -13.78
N GLY A 261 4.22 -6.40 -13.55
CA GLY A 261 4.29 -5.12 -14.24
C GLY A 261 4.44 -5.27 -15.75
N GLU A 262 5.14 -6.31 -16.20
CA GLU A 262 5.26 -6.55 -17.63
C GLU A 262 3.93 -6.98 -18.25
N LEU A 263 3.21 -7.87 -17.57
CA LEU A 263 1.90 -8.30 -18.08
C LEU A 263 0.91 -7.14 -18.11
N ALA A 264 0.93 -6.31 -17.06
CA ALA A 264 0.04 -5.16 -17.01
C ALA A 264 0.39 -4.14 -18.09
N GLY A 265 1.68 -3.99 -18.40
CA GLY A 265 2.08 -3.03 -19.41
C GLY A 265 1.59 -3.38 -20.80
N ALA A 266 1.44 -4.67 -21.08
CA ALA A 266 0.91 -5.10 -22.37
C ALA A 266 -0.60 -4.92 -22.49
N ARG A 267 -1.27 -4.49 -21.42
CA ARG A 267 -2.71 -4.29 -21.43
C ARG A 267 -3.09 -2.81 -21.31
N LEU A 268 -2.12 -1.90 -21.38
CA LEU A 268 -2.38 -0.49 -21.22
C LEU A 268 -2.77 0.18 -22.54
C10 Q53 B . 9.27 -3.53 3.54
C13 Q53 B . 8.24 -5.70 7.87
C15 Q53 B . 6.21 -3.83 5.44
C01 Q53 B . 11.33 -4.81 2.92
C02 Q53 B . 11.20 -6.58 8.36
C03 Q53 B . 8.42 -2.81 5.91
C04 Q53 B . 10.24 -7.17 7.57
C05 Q53 B . 10.59 -7.81 6.40
C06 Q53 B . 10.79 -4.38 5.36
C07 Q53 B . 11.92 -7.86 6.01
C08 Q53 B . 10.45 -4.05 3.90
C09 Q53 B . 12.90 -7.26 6.80
C11 Q53 B . 12.53 -6.62 7.97
C12 Q53 B . 8.77 -7.12 8.00
C14 Q53 B . 7.38 -3.81 6.42
C16 Q53 B . 8.89 -3.24 2.07
N17 Q53 B . 8.62 -7.57 9.37
N18 Q53 B . 7.90 -5.16 6.56
N19 Q53 B . 8.40 -2.79 4.45
O20 Q53 B . 8.11 -5.02 8.84
O21 Q53 B . 5.92 -4.83 4.85
O22 Q53 B . 7.71 -2.87 1.83
O23 Q53 B . 9.69 -3.29 1.10
S24 Q53 B . 10.07 -3.19 6.51
#